data_6JGA
#
_entry.id   6JGA
#
_cell.length_a   100.458
_cell.length_b   100.458
_cell.length_c   181.679
_cell.angle_alpha   90.000
_cell.angle_beta   90.000
_cell.angle_gamma   90.000
#
_symmetry.space_group_name_H-M   'P 43 21 2'
#
loop_
_entity.id
_entity.type
_entity.pdbx_description
1 polymer 'BETA-D-GLUCAN GLUCOHYDROLASE ISOENZYME EXO1'
2 non-polymer (2~{R},3~{S},4~{S},5~{R},6~{R})-6-(hydroxymethyl)-4-[(2~{S},3~{R},4~{S},5~{S},6~{R})-6-(hydroxymethyl)-3,4,5-tris(oxidanyl)oxan-2-yl]sulfanyl-oxane-2,3,5-triol
3 non-polymer 2-acetamido-2-deoxy-beta-D-glucopyranose
4 non-polymer 'PENTAETHYLENE GLYCOL'
5 non-polymer GLYCEROL
6 non-polymer 'SULFATE ION'
7 water water
#
_entity_poly.entity_id   1
_entity_poly.type   'polypeptide(L)'
_entity_poly.pdbx_seq_one_letter_code
;HHAADYVLYKDATKPVEDRVADLLGRMTLAEKIGQMTQIERLVATPDVLRDNFIGSLLSGGGSVPRKGATAKEWQDMVDG
FQKACMSTRLGIPMIYGIDAVHGQNNVYGATIFPHNVGLGATRDPYLVKRIGEATALEVRATGIQYAFAPCIAVCRDPRW
GRCYESYSEDRRIVQSMTELIPGLQGDVPKDFTSGMPFVAGKNKVAACAKHFVGDGGTVDGINENNTIINREGLMNIHMP
AYKNAMDKGVSTVMISYSSWNGVKMHANQDLVTGYLKDTLKFKGFVISDFEGIDRITTPAGSDYSYSVKASILAGLDMIM
VPNKYQQFISILTGHVNGGVIPMSRIDDAVTRILRVKFTMGLFENPYADPAMAEQLGKQEHRDLAREAARKSLVLLKNGK
TSTDAPLLPLPKKAPKILVAGSHADNLGYQCGGWTIEWQGDTGRTTVGTTILEAVKAAVDPSTVVVFAENPDAEFVKSGG
FSYAIVAVGEHPYTETKGDNLNLTIPEPGLSTVQAVCGGVRCATVLISGRPVVVQPLLAASDALVAAWLPGSEGQGVTDA
LFGDFGFTGRLPRTWFKSVDQLPMNVGDAHYDPLFRLGYGLTTNATKKY
;
_entity_poly.pdbx_strand_id   A
#
# COMPACT_ATOMS: atom_id res chain seq x y z
N HIS A 1 -1.26 43.01 5.99
CA HIS A 1 -0.31 42.86 7.13
C HIS A 1 1.17 43.04 6.62
N HIS A 2 1.41 44.10 5.83
CA HIS A 2 2.60 45.06 6.01
C HIS A 2 3.28 45.59 4.74
N ALA A 3 4.34 45.07 3.96
CA ALA A 3 4.89 45.63 2.72
C ALA A 3 3.77 46.07 1.77
N ALA A 4 4.12 46.93 0.81
CA ALA A 4 3.15 47.43 -0.17
C ALA A 4 2.65 46.36 -1.15
N ASP A 5 3.53 45.42 -1.50
CA ASP A 5 3.19 44.32 -2.41
C ASP A 5 2.67 43.07 -1.66
N TYR A 6 2.08 43.27 -0.49
CA TYR A 6 1.61 42.16 0.36
C TYR A 6 0.51 41.38 -0.32
N VAL A 7 0.58 40.05 -0.23
CA VAL A 7 -0.43 39.15 -0.76
C VAL A 7 -0.77 38.17 0.36
N LEU A 8 -2.00 38.25 0.87
CA LEU A 8 -2.38 37.50 2.05
C LEU A 8 -2.11 35.98 1.92
N TYR A 9 -2.41 35.40 0.77
CA TYR A 9 -2.25 33.94 0.70
C TYR A 9 -0.79 33.51 0.80
N LYS A 10 0.15 34.41 0.53
CA LYS A 10 1.58 34.11 0.64
C LYS A 10 2.14 34.32 2.07
N ASP A 11 1.30 34.79 2.98
CA ASP A 11 1.69 35.08 4.36
C ASP A 11 1.52 33.83 5.23
N ALA A 12 2.63 33.21 5.60
CA ALA A 12 2.63 31.99 6.41
C ALA A 12 2.03 32.15 7.81
N THR A 13 1.91 33.38 8.30
CA THR A 13 1.32 33.63 9.62
C THR A 13 -0.20 33.63 9.65
N LYS A 14 -0.83 33.62 8.47
CA LYS A 14 -2.28 33.74 8.38
C LYS A 14 -2.96 32.38 8.50
N PRO A 15 -4.20 32.34 9.02
CA PRO A 15 -4.94 31.08 9.13
C PRO A 15 -5.16 30.44 7.76
N VAL A 16 -5.11 29.10 7.74
CA VAL A 16 -5.27 28.36 6.49
C VAL A 16 -6.52 28.78 5.73
N GLU A 17 -7.67 28.84 6.41
CA GLU A 17 -8.91 29.19 5.71
C GLU A 17 -8.86 30.58 5.05
N ASP A 18 -8.21 31.54 5.71
CA ASP A 18 -8.07 32.88 5.14
C ASP A 18 -7.17 32.86 3.92
N ARG A 19 -6.11 32.05 3.96
CA ARG A 19 -5.21 31.91 2.82
C ARG A 19 -5.91 31.24 1.64
N VAL A 20 -6.65 30.17 1.94
CA VAL A 20 -7.45 29.51 0.92
C VAL A 20 -8.42 30.47 0.23
N ALA A 21 -9.22 31.21 1.01
CA ALA A 21 -10.20 32.11 0.41
C ALA A 21 -9.52 33.24 -0.37
N ASP A 22 -8.42 33.75 0.18
CA ASP A 22 -7.70 34.84 -0.50
C ASP A 22 -7.17 34.39 -1.85
N LEU A 23 -6.60 33.18 -1.92
CA LEU A 23 -6.09 32.67 -3.18
C LEU A 23 -7.23 32.34 -4.16
N LEU A 24 -8.24 31.65 -3.68
CA LEU A 24 -9.36 31.23 -4.52
C LEU A 24 -9.98 32.43 -5.23
N GLY A 25 -10.13 33.52 -4.49
CA GLY A 25 -10.74 34.74 -5.00
C GLY A 25 -9.99 35.39 -6.15
N ARG A 26 -8.70 35.06 -6.29
CA ARG A 26 -7.83 35.61 -7.32
C ARG A 26 -7.72 34.75 -8.58
N MET A 27 -8.27 33.54 -8.52
CA MET A 27 -7.99 32.55 -9.56
C MET A 27 -8.95 32.62 -10.75
N THR A 28 -8.40 32.45 -11.94
CA THR A 28 -9.18 32.25 -13.16
C THR A 28 -9.74 30.85 -13.21
N LEU A 29 -10.70 30.63 -14.10
CA LEU A 29 -11.23 29.28 -14.27
C LEU A 29 -10.11 28.31 -14.67
N ALA A 30 -9.22 28.75 -15.55
CA ALA A 30 -8.11 27.93 -16.01
C ALA A 30 -7.21 27.53 -14.83
N GLU A 31 -6.97 28.49 -13.95
CA GLU A 31 -6.14 28.22 -12.77
C GLU A 31 -6.85 27.26 -11.82
N LYS A 32 -8.16 27.41 -11.70
CA LYS A 32 -8.93 26.50 -10.85
C LYS A 32 -8.95 25.06 -11.39
N ILE A 33 -9.28 24.91 -12.66
CA ILE A 33 -9.34 23.59 -13.27
C ILE A 33 -7.94 22.95 -13.24
N GLY A 34 -6.91 23.78 -13.40
CA GLY A 34 -5.53 23.30 -13.31
C GLY A 34 -5.24 22.63 -11.99
N GLN A 35 -5.70 23.22 -10.89
CA GLN A 35 -5.49 22.65 -9.56
C GLN A 35 -6.12 21.29 -9.43
N MET A 36 -7.24 21.09 -10.13
CA MET A 36 -7.99 19.84 -10.10
C MET A 36 -7.39 18.75 -10.98
N THR A 37 -6.30 19.05 -11.68
CA THR A 37 -5.70 18.14 -12.63
C THR A 37 -4.39 17.57 -12.11
N GLN A 38 -4.33 16.23 -12.01
CA GLN A 38 -3.10 15.55 -11.66
C GLN A 38 -2.59 14.77 -12.87
N ILE A 39 -1.32 14.96 -13.20
CA ILE A 39 -0.74 14.28 -14.37
C ILE A 39 0.44 13.40 -14.01
N GLU A 40 0.67 12.39 -14.85
CA GLU A 40 1.83 11.54 -14.73
C GLU A 40 3.10 12.33 -15.02
N ARG A 41 4.15 12.07 -14.25
CA ARG A 41 5.46 12.62 -14.63
C ARG A 41 5.83 12.28 -16.06
N LEU A 42 5.37 11.14 -16.56
CA LEU A 42 5.70 10.71 -17.93
C LEU A 42 5.23 11.70 -18.98
N VAL A 43 4.18 12.49 -18.70
CA VAL A 43 3.71 13.49 -19.69
C VAL A 43 4.01 14.92 -19.29
N ALA A 44 4.69 15.11 -18.15
CA ALA A 44 4.96 16.44 -17.64
C ALA A 44 6.21 17.05 -18.25
N THR A 45 6.14 18.35 -18.51
CA THR A 45 7.30 19.18 -18.90
C THR A 45 7.09 20.53 -18.23
N PRO A 46 8.14 21.35 -18.14
CA PRO A 46 7.95 22.68 -17.55
C PRO A 46 6.84 23.49 -18.24
N ASP A 47 6.79 23.50 -19.56
CA ASP A 47 5.76 24.26 -20.25
C ASP A 47 4.36 23.71 -19.99
N VAL A 48 4.22 22.38 -19.94
CA VAL A 48 2.93 21.79 -19.70
C VAL A 48 2.42 22.21 -18.32
N LEU A 49 3.30 22.14 -17.33
CA LEU A 49 2.92 22.45 -15.97
C LEU A 49 2.54 23.91 -15.76
N ARG A 50 3.31 24.80 -16.40
CA ARG A 50 3.05 26.24 -16.36
C ARG A 50 1.80 26.61 -17.16
N ASP A 51 1.74 26.15 -18.40
CA ASP A 51 0.71 26.61 -19.32
C ASP A 51 -0.69 26.12 -18.93
N ASN A 52 -0.76 24.97 -18.26
CA ASN A 52 -2.03 24.41 -17.82
C ASN A 52 -2.29 24.55 -16.33
N PHE A 53 -1.40 25.28 -15.64
CA PHE A 53 -1.57 25.59 -14.22
C PHE A 53 -1.81 24.32 -13.39
N ILE A 54 -1.05 23.28 -13.68
CA ILE A 54 -1.27 21.95 -13.12
C ILE A 54 -1.10 21.91 -11.61
N GLY A 55 -2.02 21.20 -10.95
CA GLY A 55 -2.05 21.14 -9.49
C GLY A 55 -1.25 20.03 -8.86
N SER A 56 -1.03 18.95 -9.60
CA SER A 56 -0.41 17.78 -9.00
C SER A 56 0.22 16.89 -10.05
N LEU A 57 1.25 16.17 -9.61
CA LEU A 57 1.86 15.12 -10.40
C LEU A 57 1.86 13.85 -9.62
N LEU A 58 1.93 12.74 -10.34
CA LEU A 58 2.22 11.45 -9.68
C LEU A 58 3.23 10.63 -10.46
N SER A 59 3.83 9.71 -9.73
CA SER A 59 4.42 8.47 -10.29
C SER A 59 3.46 7.34 -10.04
N GLY A 60 2.95 6.74 -11.11
CA GLY A 60 2.28 5.45 -10.98
C GLY A 60 3.30 4.38 -10.70
N GLY A 61 2.84 3.14 -10.51
CA GLY A 61 3.73 2.03 -10.28
C GLY A 61 4.79 1.94 -11.38
N GLY A 62 6.05 1.92 -10.99
CA GLY A 62 7.18 1.84 -11.90
C GLY A 62 7.53 3.09 -12.68
N SER A 63 6.88 4.21 -12.36
CA SER A 63 7.16 5.46 -13.06
C SER A 63 8.26 6.20 -12.34
N VAL A 64 9.47 6.09 -12.88
CA VAL A 64 10.69 6.52 -12.20
C VAL A 64 11.59 7.31 -13.15
N PRO A 65 12.42 8.21 -12.61
CA PRO A 65 13.28 9.00 -13.53
C PRO A 65 14.28 8.15 -14.26
N ARG A 66 14.76 7.11 -13.61
CA ARG A 66 15.39 5.98 -14.27
C ARG A 66 15.57 4.85 -13.27
N LYS A 67 15.81 3.64 -13.76
CA LYS A 67 16.09 2.54 -12.84
C LYS A 67 17.38 2.85 -12.07
N GLY A 68 17.36 2.50 -10.79
CA GLY A 68 18.50 2.73 -9.93
C GLY A 68 18.74 4.17 -9.52
N ALA A 69 17.79 5.06 -9.77
CA ALA A 69 17.94 6.49 -9.43
C ALA A 69 18.21 6.66 -7.95
N THR A 70 19.12 7.56 -7.63
CA THR A 70 19.39 7.93 -6.25
C THR A 70 18.28 8.79 -5.67
N ALA A 71 18.27 8.93 -4.35
CA ALA A 71 17.35 9.87 -3.71
C ALA A 71 17.50 11.29 -4.25
N LYS A 72 18.73 11.73 -4.48
CA LYS A 72 18.97 13.03 -5.05
C LYS A 72 18.41 13.18 -6.45
N GLU A 73 18.51 12.14 -7.28
CA GLU A 73 17.88 12.18 -8.60
C GLU A 73 16.38 12.40 -8.51
N TRP A 74 15.74 11.73 -7.56
CA TRP A 74 14.31 11.93 -7.36
C TRP A 74 14.05 13.35 -6.91
N GLN A 75 14.81 13.84 -5.94
CA GLN A 75 14.62 15.23 -5.48
C GLN A 75 14.75 16.23 -6.62
N ASP A 76 15.75 16.02 -7.46
CA ASP A 76 16.00 16.96 -8.56
C ASP A 76 14.85 16.92 -9.57
N MET A 77 14.30 15.74 -9.82
CA MET A 77 13.15 15.59 -10.70
C MET A 77 11.96 16.36 -10.15
N VAL A 78 11.64 16.11 -8.89
CA VAL A 78 10.46 16.73 -8.29
C VAL A 78 10.64 18.24 -8.23
N ASP A 79 11.83 18.68 -7.82
CA ASP A 79 12.12 20.12 -7.75
C ASP A 79 12.01 20.80 -9.12
N GLY A 80 12.42 20.12 -10.17
CA GLY A 80 12.32 20.65 -11.55
C GLY A 80 10.88 20.90 -11.93
N PHE A 81 10.01 19.95 -11.60
CA PHE A 81 8.58 20.13 -11.83
C PHE A 81 8.06 21.27 -10.96
N GLN A 82 8.51 21.34 -9.72
CA GLN A 82 8.01 22.38 -8.81
C GLN A 82 8.42 23.77 -9.27
N LYS A 83 9.64 23.90 -9.76
CA LYS A 83 10.12 25.21 -10.23
C LYS A 83 9.18 25.74 -11.31
N ALA A 84 8.72 24.85 -12.19
CA ALA A 84 7.81 25.27 -13.26
C ALA A 84 6.49 25.73 -12.69
N CYS A 85 5.95 24.98 -11.73
CA CYS A 85 4.70 25.35 -11.12
C CYS A 85 4.81 26.66 -10.32
N MET A 86 5.95 26.88 -9.67
CA MET A 86 6.12 28.09 -8.87
C MET A 86 6.31 29.32 -9.75
N SER A 87 6.58 29.10 -11.04
CA SER A 87 6.77 30.20 -12.01
C SER A 87 5.46 30.69 -12.62
N THR A 88 4.33 30.09 -12.27
CA THR A 88 3.04 30.57 -12.75
C THR A 88 2.72 31.90 -12.08
N ARG A 89 1.72 32.59 -12.64
CA ARG A 89 1.28 33.87 -12.11
C ARG A 89 1.05 33.86 -10.58
N LEU A 90 0.36 32.85 -10.09
CA LEU A 90 0.02 32.77 -8.68
C LEU A 90 1.03 31.95 -7.88
N GLY A 91 1.88 31.18 -8.55
CA GLY A 91 2.94 30.43 -7.86
C GLY A 91 2.38 29.40 -6.88
N ILE A 92 1.39 28.65 -7.33
CA ILE A 92 0.80 27.60 -6.50
C ILE A 92 1.66 26.34 -6.65
N PRO A 93 2.29 25.86 -5.55
CA PRO A 93 3.10 24.66 -5.67
C PRO A 93 2.25 23.44 -5.97
N MET A 94 2.81 22.55 -6.80
CA MET A 94 2.21 21.24 -6.99
C MET A 94 2.52 20.32 -5.81
N ILE A 95 1.66 19.34 -5.63
CA ILE A 95 1.85 18.23 -4.72
C ILE A 95 2.13 17.00 -5.58
N TYR A 96 3.16 16.25 -5.21
CA TYR A 96 3.60 15.06 -5.94
C TYR A 96 3.22 13.83 -5.15
N GLY A 97 2.43 12.95 -5.76
CA GLY A 97 1.98 11.70 -5.12
C GLY A 97 2.65 10.44 -5.66
N ILE A 98 2.69 9.41 -4.82
CA ILE A 98 3.27 8.14 -5.20
C ILE A 98 2.68 7.02 -4.33
N ASP A 99 2.69 5.80 -4.86
CA ASP A 99 2.28 4.66 -4.06
C ASP A 99 3.45 4.21 -3.21
N ALA A 100 3.54 4.80 -2.03
CA ALA A 100 4.47 4.35 -0.97
C ALA A 100 3.58 3.55 -0.04
N VAL A 101 3.38 2.28 -0.39
CA VAL A 101 2.42 1.41 0.28
C VAL A 101 3.03 0.32 1.16
N HIS A 102 4.34 0.09 1.06
CA HIS A 102 5.05 -0.75 2.03
C HIS A 102 6.50 -0.30 2.05
N GLY A 103 6.65 0.94 2.53
CA GLY A 103 7.86 1.73 2.29
C GLY A 103 7.68 2.53 1.00
N GLN A 104 8.76 3.23 0.62
CA GLN A 104 8.80 4.06 -0.59
C GLN A 104 9.21 3.13 -1.74
N ASN A 105 8.25 2.25 -2.06
CA ASN A 105 8.58 1.02 -2.77
C ASN A 105 8.95 1.09 -4.25
N ASN A 106 8.67 2.20 -4.94
CA ASN A 106 9.15 2.37 -6.32
C ASN A 106 10.64 2.69 -6.40
N VAL A 107 11.27 3.01 -5.27
CA VAL A 107 12.59 3.64 -5.26
C VAL A 107 13.66 2.61 -4.91
N TYR A 108 14.71 2.54 -5.73
CA TYR A 108 15.82 1.64 -5.47
C TYR A 108 16.47 1.99 -4.13
N GLY A 109 16.70 0.98 -3.31
CA GLY A 109 17.36 1.21 -2.03
C GLY A 109 16.43 1.65 -0.91
N ALA A 110 15.16 1.82 -1.19
CA ALA A 110 14.19 2.11 -0.13
C ALA A 110 13.92 0.87 0.71
N THR A 111 13.73 1.06 2.01
CA THR A 111 13.32 -0.04 2.88
C THR A 111 11.96 -0.55 2.43
N ILE A 112 11.81 -1.87 2.27
CA ILE A 112 10.54 -2.46 1.88
C ILE A 112 9.96 -3.20 3.08
N PHE A 113 8.85 -2.69 3.58
CA PHE A 113 8.18 -3.28 4.72
C PHE A 113 7.27 -4.43 4.29
N PRO A 114 6.87 -5.28 5.25
CA PRO A 114 5.84 -6.28 4.92
C PRO A 114 4.59 -5.63 4.35
N HIS A 115 3.94 -6.29 3.40
CA HIS A 115 2.66 -5.86 2.94
C HIS A 115 1.59 -5.95 4.04
N ASN A 116 0.48 -5.25 3.80
CA ASN A 116 -0.55 -5.06 4.81
C ASN A 116 -1.09 -6.34 5.44
N VAL A 117 -1.32 -7.40 4.67
CA VAL A 117 -1.86 -8.62 5.28
C VAL A 117 -0.96 -9.13 6.43
N GLY A 118 0.35 -9.10 6.23
CA GLY A 118 1.28 -9.50 7.28
C GLY A 118 1.25 -8.53 8.44
N LEU A 119 1.11 -7.24 8.15
CA LEU A 119 0.99 -6.29 9.24
C LEU A 119 -0.28 -6.56 10.06
N GLY A 120 -1.38 -6.96 9.42
CA GLY A 120 -2.57 -7.39 10.16
C GLY A 120 -2.29 -8.53 11.12
N ALA A 121 -1.43 -9.45 10.70
CA ALA A 121 -1.04 -10.59 11.54
C ALA A 121 -0.35 -10.19 12.83
N THR A 122 0.30 -9.02 12.85
CA THR A 122 1.00 -8.55 14.04
C THR A 122 0.08 -8.08 15.14
N ARG A 123 -1.15 -7.70 14.81
CA ARG A 123 -2.05 -7.03 15.76
C ARG A 123 -1.35 -5.92 16.55
N ASP A 124 -0.48 -5.16 15.90
CA ASP A 124 0.38 -4.19 16.58
C ASP A 124 0.22 -2.84 15.89
N PRO A 125 -0.80 -2.06 16.28
CA PRO A 125 -1.00 -0.76 15.64
C PRO A 125 0.17 0.20 15.84
N TYR A 126 0.88 0.12 16.96
CA TYR A 126 1.97 1.06 17.18
C TYR A 126 3.15 0.75 16.25
N LEU A 127 3.36 -0.53 15.98
CA LEU A 127 4.34 -0.95 14.97
C LEU A 127 3.98 -0.30 13.64
N VAL A 128 2.70 -0.39 13.26
CA VAL A 128 2.27 0.16 11.98
C VAL A 128 2.43 1.70 11.99
N LYS A 129 2.16 2.36 13.11
CA LYS A 129 2.42 3.79 13.20
C LYS A 129 3.88 4.10 12.94
N ARG A 130 4.79 3.36 13.57
CA ARG A 130 6.23 3.55 13.37
C ARG A 130 6.63 3.30 11.91
N ILE A 131 6.00 2.32 11.27
CA ILE A 131 6.24 2.09 9.85
C ILE A 131 5.79 3.32 9.03
N GLY A 132 4.66 3.92 9.39
CA GLY A 132 4.22 5.15 8.74
C GLY A 132 5.24 6.27 8.94
N GLU A 133 5.79 6.39 10.14
CA GLU A 133 6.79 7.41 10.42
C GLU A 133 8.03 7.22 9.55
N ALA A 134 8.50 5.98 9.45
CA ALA A 134 9.70 5.68 8.67
C ALA A 134 9.44 5.88 7.19
N THR A 135 8.25 5.48 6.75
CA THR A 135 7.86 5.64 5.35
C THR A 135 7.83 7.12 4.97
N ALA A 136 7.27 7.97 5.84
CA ALA A 136 7.24 9.41 5.54
C ALA A 136 8.64 9.94 5.32
N LEU A 137 9.59 9.52 6.16
CA LEU A 137 10.96 9.98 6.03
C LEU A 137 11.56 9.56 4.69
N GLU A 138 11.31 8.32 4.26
CA GLU A 138 11.90 7.81 3.02
C GLU A 138 11.22 8.38 1.79
N VAL A 139 9.94 8.72 1.91
CA VAL A 139 9.24 9.44 0.84
C VAL A 139 9.81 10.86 0.70
N ARG A 140 9.95 11.56 1.83
CA ARG A 140 10.53 12.90 1.80
C ARG A 140 12.02 12.89 1.39
N ALA A 141 12.72 11.77 1.62
CA ALA A 141 14.08 11.60 1.12
C ALA A 141 14.16 11.78 -0.39
N THR A 142 13.05 11.47 -1.07
CA THR A 142 12.97 11.54 -2.52
C THR A 142 12.26 12.80 -3.00
N GLY A 143 11.93 13.71 -2.08
CA GLY A 143 11.28 14.97 -2.43
C GLY A 143 9.77 14.91 -2.59
N ILE A 144 9.18 13.76 -2.30
CA ILE A 144 7.75 13.55 -2.55
C ILE A 144 6.98 13.87 -1.28
N GLN A 145 5.79 14.47 -1.43
CA GLN A 145 5.06 15.01 -0.30
C GLN A 145 3.77 14.26 0.01
N TYR A 146 3.45 13.22 -0.75
CA TYR A 146 2.10 12.65 -0.73
C TYR A 146 2.16 11.15 -1.07
N ALA A 147 1.66 10.32 -0.14
CA ALA A 147 1.62 8.88 -0.29
C ALA A 147 0.19 8.40 -0.46
N PHE A 148 -0.02 7.55 -1.46
CA PHE A 148 -1.36 6.97 -1.68
C PHE A 148 -1.56 5.75 -0.77
N ALA A 149 -1.65 6.02 0.54
CA ALA A 149 -1.76 4.99 1.56
C ALA A 149 -2.37 5.62 2.80
N PRO A 150 -3.08 4.83 3.63
CA PRO A 150 -3.28 3.40 3.56
C PRO A 150 -4.45 2.93 2.71
N CYS A 151 -4.25 1.77 2.09
CA CYS A 151 -5.36 0.97 1.64
C CYS A 151 -6.07 0.37 2.85
N ILE A 152 -7.29 0.84 3.10
CA ILE A 152 -8.13 0.34 4.18
C ILE A 152 -9.27 -0.52 3.64
N ALA A 153 -9.05 -1.15 2.49
CA ALA A 153 -9.93 -2.21 2.00
C ALA A 153 -10.06 -3.29 3.07
N VAL A 154 -11.24 -3.87 3.16
CA VAL A 154 -11.52 -5.01 4.02
C VAL A 154 -11.76 -6.16 3.03
N CYS A 155 -10.72 -6.93 2.75
CA CYS A 155 -10.79 -7.96 1.73
C CYS A 155 -11.64 -9.12 2.24
N ARG A 156 -12.76 -9.37 1.55
CA ARG A 156 -13.73 -10.39 1.97
C ARG A 156 -13.65 -11.65 1.13
N ASP A 157 -12.68 -11.71 0.21
CA ASP A 157 -12.50 -12.85 -0.67
C ASP A 157 -11.07 -12.84 -1.18
N PRO A 158 -10.27 -13.82 -0.75
CA PRO A 158 -8.85 -13.81 -1.08
C PRO A 158 -8.53 -14.09 -2.55
N ARG A 159 -9.54 -14.40 -3.37
CA ARG A 159 -9.32 -14.49 -4.80
C ARG A 159 -8.99 -13.12 -5.43
N TRP A 160 -9.23 -12.04 -4.68
CA TRP A 160 -8.84 -10.70 -5.09
C TRP A 160 -7.34 -10.51 -5.18
N GLY A 161 -6.87 -9.96 -6.30
CA GLY A 161 -5.46 -9.66 -6.49
C GLY A 161 -4.89 -8.59 -5.59
N ARG A 162 -5.74 -7.87 -4.86
CA ARG A 162 -5.23 -6.88 -3.90
C ARG A 162 -5.44 -7.31 -2.46
N CYS A 163 -5.75 -8.58 -2.23
CA CYS A 163 -6.01 -8.99 -0.86
C CYS A 163 -4.83 -8.69 0.06
N TYR A 164 -3.61 -8.80 -0.46
CA TYR A 164 -2.43 -8.53 0.38
C TYR A 164 -2.34 -7.06 0.82
N GLU A 165 -3.04 -6.18 0.12
CA GLU A 165 -3.08 -4.76 0.48
C GLU A 165 -4.12 -4.45 1.58
N SER A 166 -4.85 -5.47 2.02
CA SER A 166 -5.82 -5.33 3.09
C SER A 166 -5.24 -5.92 4.37
N TYR A 167 -5.31 -5.16 5.47
CA TYR A 167 -4.81 -5.68 6.76
C TYR A 167 -5.57 -6.92 7.22
N SER A 168 -6.84 -7.06 6.85
CA SER A 168 -7.68 -8.12 7.42
C SER A 168 -9.04 -8.18 6.76
N GLU A 169 -9.67 -9.36 6.83
CA GLU A 169 -11.09 -9.49 6.52
C GLU A 169 -11.99 -8.94 7.64
N ASP A 170 -11.40 -8.67 8.82
CA ASP A 170 -12.10 -8.17 9.98
C ASP A 170 -11.89 -6.66 10.04
N ARG A 171 -12.95 -5.92 9.81
CA ARG A 171 -12.89 -4.47 9.85
C ARG A 171 -12.29 -3.92 11.15
N ARG A 172 -12.44 -4.63 12.28
CA ARG A 172 -11.86 -4.14 13.53
C ARG A 172 -10.33 -4.06 13.46
N ILE A 173 -9.72 -5.01 12.77
CA ILE A 173 -8.27 -5.01 12.60
C ILE A 173 -7.87 -3.86 11.66
N VAL A 174 -8.61 -3.69 10.57
CA VAL A 174 -8.33 -2.61 9.64
C VAL A 174 -8.44 -1.25 10.37
N GLN A 175 -9.50 -1.09 11.17
CA GLN A 175 -9.66 0.12 11.96
C GLN A 175 -8.44 0.37 12.84
N SER A 176 -7.96 -0.67 13.53
CA SER A 176 -6.81 -0.52 14.40
C SER A 176 -5.56 -0.03 13.66
N MET A 177 -5.40 -0.47 12.41
CA MET A 177 -4.19 -0.17 11.64
C MET A 177 -4.24 1.16 10.91
N THR A 178 -5.34 1.89 11.05
CA THR A 178 -5.39 3.29 10.61
C THR A 178 -4.37 4.17 11.34
N GLU A 179 -3.71 3.64 12.37
CA GLU A 179 -2.54 4.29 12.96
C GLU A 179 -1.44 4.59 11.94
N LEU A 180 -1.44 3.93 10.78
CA LEU A 180 -0.50 4.33 9.71
C LEU A 180 -0.62 5.83 9.41
N ILE A 181 -1.84 6.35 9.49
CA ILE A 181 -2.12 7.74 9.07
C ILE A 181 -1.37 8.77 9.92
N PRO A 182 -1.52 8.74 11.25
CA PRO A 182 -0.71 9.68 12.03
C PRO A 182 0.79 9.38 12.01
N GLY A 183 1.20 8.16 11.64
CA GLY A 183 2.60 7.89 11.38
C GLY A 183 3.08 8.69 10.17
N LEU A 184 2.36 8.57 9.06
CA LEU A 184 2.70 9.29 7.82
C LEU A 184 2.62 10.80 7.95
N GLN A 185 1.56 11.28 8.61
CA GLN A 185 1.20 12.70 8.63
C GLN A 185 1.62 13.45 9.88
N GLY A 186 1.84 12.70 10.96
CA GLY A 186 1.99 13.27 12.29
C GLY A 186 0.69 13.20 13.06
N ASP A 187 0.79 13.18 14.39
CA ASP A 187 -0.38 13.18 15.26
C ASP A 187 -1.14 14.50 15.22
N VAL A 188 -2.47 14.43 15.22
CA VAL A 188 -3.30 15.63 15.23
C VAL A 188 -3.31 16.22 16.65
N PRO A 189 -3.54 17.53 16.76
CA PRO A 189 -3.59 18.14 18.10
C PRO A 189 -4.83 17.70 18.88
N LYS A 190 -4.82 18.00 20.17
CA LYS A 190 -5.89 17.57 21.09
C LYS A 190 -7.26 18.11 20.67
N ASP A 191 -7.27 19.32 20.12
CA ASP A 191 -8.50 20.02 19.75
C ASP A 191 -9.18 19.52 18.47
N PHE A 192 -8.62 18.50 17.83
CA PHE A 192 -8.83 18.31 16.39
C PHE A 192 -10.26 17.95 15.96
N THR A 193 -10.77 18.63 14.94
CA THR A 193 -12.08 18.32 14.38
C THR A 193 -12.02 17.19 13.35
N SER A 194 -12.72 16.09 13.64
CA SER A 194 -12.76 14.93 12.76
C SER A 194 -13.18 15.34 11.34
N GLY A 195 -12.42 14.88 10.36
CA GLY A 195 -12.68 15.18 8.95
C GLY A 195 -11.79 16.27 8.37
N MET A 196 -11.16 17.08 9.23
CA MET A 196 -10.19 18.06 8.75
C MET A 196 -8.92 17.36 8.28
N PRO A 197 -8.25 17.91 7.25
CA PRO A 197 -6.97 17.35 6.86
C PRO A 197 -5.87 17.81 7.80
N PHE A 198 -4.80 17.02 7.90
CA PHE A 198 -3.66 17.37 8.72
C PHE A 198 -2.37 16.78 8.17
N VAL A 199 -1.31 17.58 8.12
CA VAL A 199 0.07 17.11 7.98
C VAL A 199 0.95 18.03 8.83
N ALA A 200 1.88 17.47 9.60
CA ALA A 200 2.62 18.27 10.59
C ALA A 200 3.62 19.26 10.01
N GLY A 201 4.12 18.99 8.83
CA GLY A 201 5.15 19.81 8.23
C GLY A 201 6.03 19.03 7.28
N LYS A 202 7.21 19.55 6.99
CA LYS A 202 8.02 19.13 5.84
C LYS A 202 8.65 17.76 5.98
N ASN A 203 8.67 17.18 7.18
CA ASN A 203 9.22 15.85 7.40
C ASN A 203 8.12 14.78 7.42
N LYS A 204 6.88 15.19 7.13
CA LYS A 204 5.75 14.27 7.04
C LYS A 204 5.15 14.37 5.65
N VAL A 205 4.23 13.46 5.33
CA VAL A 205 3.56 13.47 4.04
C VAL A 205 2.05 13.46 4.18
N ALA A 206 1.35 13.97 3.19
CA ALA A 206 -0.09 13.74 3.09
C ALA A 206 -0.37 12.26 2.86
N ALA A 207 -1.41 11.75 3.51
CA ALA A 207 -1.85 10.38 3.36
C ALA A 207 -3.16 10.32 2.56
N CYS A 208 -3.62 9.10 2.29
CA CYS A 208 -4.74 8.86 1.40
C CYS A 208 -5.44 7.57 1.82
N ALA A 209 -6.63 7.68 2.40
CA ALA A 209 -7.42 6.49 2.67
C ALA A 209 -8.07 6.01 1.39
N LYS A 210 -7.84 4.75 1.04
CA LYS A 210 -8.30 4.24 -0.25
C LYS A 210 -8.75 2.78 -0.13
N HIS A 211 -9.58 2.29 -1.05
CA HIS A 211 -10.26 3.03 -2.10
C HIS A 211 -11.75 3.06 -1.75
N PHE A 212 -12.31 4.27 -1.70
CA PHE A 212 -13.63 4.50 -1.15
C PHE A 212 -14.68 4.08 -2.18
N VAL A 213 -15.56 3.13 -1.86
CA VAL A 213 -15.63 2.31 -0.63
C VAL A 213 -16.11 0.93 -1.10
N GLY A 214 -15.73 -0.11 -0.37
CA GLY A 214 -16.15 -1.47 -0.70
C GLY A 214 -15.30 -2.16 -1.75
N ASP A 215 -14.08 -1.64 -1.95
CA ASP A 215 -13.13 -2.25 -2.86
C ASP A 215 -12.82 -3.71 -2.53
N GLY A 216 -12.87 -4.06 -1.25
CA GLY A 216 -12.64 -5.42 -0.79
C GLY A 216 -13.87 -6.34 -0.80
N GLY A 217 -15.00 -5.86 -1.32
CA GLY A 217 -16.27 -6.62 -1.25
C GLY A 217 -16.78 -7.09 -2.60
N THR A 218 -15.93 -7.08 -3.61
CA THR A 218 -16.41 -7.32 -4.97
C THR A 218 -16.72 -8.81 -5.20
N VAL A 219 -17.68 -9.07 -6.10
CA VAL A 219 -18.13 -10.44 -6.41
C VAL A 219 -16.93 -11.29 -6.82
N ASP A 220 -16.78 -12.43 -6.13
CA ASP A 220 -15.72 -13.42 -6.40
C ASP A 220 -14.32 -12.82 -6.32
N GLY A 221 -14.17 -11.70 -5.61
CA GLY A 221 -12.88 -10.99 -5.55
C GLY A 221 -12.42 -10.44 -6.90
N ILE A 222 -13.34 -10.23 -7.85
CA ILE A 222 -12.94 -9.68 -9.16
C ILE A 222 -12.59 -8.20 -8.97
N ASN A 223 -11.36 -7.85 -9.32
CA ASN A 223 -10.84 -6.51 -9.11
C ASN A 223 -11.64 -5.51 -9.94
N GLU A 224 -12.00 -4.39 -9.30
CA GLU A 224 -12.69 -3.28 -9.94
C GLU A 224 -14.15 -3.60 -10.23
N ASN A 225 -14.66 -4.71 -9.69
CA ASN A 225 -15.99 -5.18 -10.08
C ASN A 225 -17.07 -4.63 -9.16
N ASN A 226 -18.18 -5.37 -9.03
CA ASN A 226 -19.34 -4.90 -8.30
C ASN A 226 -19.38 -5.48 -6.90
N THR A 227 -19.64 -4.63 -5.92
CA THR A 227 -19.82 -5.04 -4.54
C THR A 227 -21.32 -5.02 -4.27
N ILE A 228 -21.89 -6.22 -4.14
CA ILE A 228 -23.33 -6.40 -3.94
C ILE A 228 -23.55 -6.69 -2.45
N ILE A 229 -24.02 -5.68 -1.74
CA ILE A 229 -24.27 -5.75 -0.30
C ILE A 229 -25.23 -4.62 0.04
N ASN A 230 -26.11 -4.85 1.02
CA ASN A 230 -27.01 -3.77 1.43
C ASN A 230 -26.27 -2.67 2.19
N ARG A 231 -26.94 -1.53 2.38
CA ARG A 231 -26.33 -0.38 3.06
C ARG A 231 -25.83 -0.77 4.44
N GLU A 232 -26.61 -1.54 5.18
CA GLU A 232 -26.20 -1.99 6.51
C GLU A 232 -24.83 -2.69 6.48
N GLY A 233 -24.64 -3.61 5.53
CA GLY A 233 -23.40 -4.35 5.37
C GLY A 233 -22.26 -3.45 4.92
N LEU A 234 -22.54 -2.56 3.98
CA LEU A 234 -21.51 -1.59 3.55
C LEU A 234 -21.04 -0.79 4.76
N MET A 235 -21.97 -0.32 5.58
CA MET A 235 -21.64 0.51 6.73
C MET A 235 -21.01 -0.25 7.89
N ASN A 236 -21.31 -1.54 8.00
CA ASN A 236 -20.80 -2.39 9.07
C ASN A 236 -19.40 -2.96 8.78
N ILE A 237 -19.10 -3.19 7.51
CA ILE A 237 -17.87 -3.87 7.12
C ILE A 237 -16.91 -2.91 6.42
N HIS A 238 -17.37 -2.24 5.38
CA HIS A 238 -16.47 -1.54 4.46
C HIS A 238 -16.19 -0.08 4.80
N MET A 239 -17.11 0.54 5.54
CA MET A 239 -17.03 1.94 5.90
C MET A 239 -16.31 2.29 7.20
N PRO A 240 -16.41 1.46 8.25
CA PRO A 240 -15.94 1.95 9.56
C PRO A 240 -14.55 2.59 9.61
N ALA A 241 -13.57 1.98 8.95
CA ALA A 241 -12.22 2.52 9.02
C ALA A 241 -12.09 3.93 8.39
N TYR A 242 -13.00 4.30 7.48
CA TYR A 242 -12.99 5.67 6.95
C TYR A 242 -13.30 6.68 8.05
N LYS A 243 -14.17 6.31 9.00
CA LYS A 243 -14.44 7.19 10.13
C LYS A 243 -13.21 7.35 11.02
N ASN A 244 -12.50 6.26 11.29
CA ASN A 244 -11.25 6.34 12.05
C ASN A 244 -10.25 7.25 11.32
N ALA A 245 -10.23 7.15 10.00
CA ALA A 245 -9.35 7.99 9.17
C ALA A 245 -9.70 9.46 9.29
N MET A 246 -11.00 9.77 9.30
CA MET A 246 -11.45 11.15 9.54
C MET A 246 -10.99 11.65 10.91
N ASP A 247 -11.12 10.80 11.92
CA ASP A 247 -10.75 11.16 13.27
C ASP A 247 -9.25 11.45 13.39
N LYS A 248 -8.46 10.82 12.51
CA LYS A 248 -7.02 10.98 12.52
C LYS A 248 -6.53 11.99 11.50
N GLY A 249 -7.44 12.68 10.84
CA GLY A 249 -7.07 13.80 9.97
C GLY A 249 -6.48 13.41 8.61
N VAL A 250 -6.89 12.26 8.07
CA VAL A 250 -6.39 11.86 6.75
C VAL A 250 -6.62 13.00 5.75
N SER A 251 -5.61 13.33 4.96
CA SER A 251 -5.68 14.54 4.12
C SER A 251 -6.49 14.36 2.85
N THR A 252 -6.44 13.14 2.30
CA THR A 252 -7.11 12.82 1.06
C THR A 252 -7.79 11.46 1.13
N VAL A 253 -8.75 11.25 0.24
CA VAL A 253 -9.43 9.98 0.04
C VAL A 253 -9.47 9.69 -1.45
N MET A 254 -9.07 8.49 -1.85
CA MET A 254 -9.12 8.07 -3.24
C MET A 254 -10.35 7.17 -3.46
N ILE A 255 -11.04 7.43 -4.56
CA ILE A 255 -12.24 6.68 -4.92
C ILE A 255 -11.87 5.36 -5.61
N SER A 256 -12.69 4.34 -5.35
CA SER A 256 -12.49 3.03 -5.93
C SER A 256 -13.00 2.90 -7.36
N TYR A 257 -12.30 2.10 -8.15
CA TYR A 257 -12.82 1.68 -9.45
C TYR A 257 -14.11 0.86 -9.33
N SER A 258 -14.29 0.22 -8.18
CA SER A 258 -15.41 -0.70 -7.99
C SER A 258 -16.74 0.02 -8.00
N SER A 259 -17.79 -0.79 -8.06
CA SER A 259 -19.16 -0.32 -8.00
C SER A 259 -19.83 -0.84 -6.72
N TRP A 260 -20.90 -0.18 -6.30
CA TRP A 260 -21.71 -0.63 -5.18
C TRP A 260 -23.14 -0.82 -5.70
N ASN A 261 -23.60 -2.07 -5.68
CA ASN A 261 -24.92 -2.43 -6.21
C ASN A 261 -25.15 -1.84 -7.60
N GLY A 262 -24.10 -1.94 -8.44
CA GLY A 262 -24.14 -1.53 -9.82
C GLY A 262 -23.86 -0.06 -10.11
N VAL A 263 -23.64 0.75 -9.08
CA VAL A 263 -23.33 2.17 -9.25
C VAL A 263 -21.81 2.38 -9.12
N LYS A 264 -21.19 2.89 -10.17
CA LYS A 264 -19.75 3.21 -10.13
C LYS A 264 -19.45 4.17 -8.99
N MET A 265 -18.46 3.85 -8.17
CA MET A 265 -18.09 4.76 -7.09
C MET A 265 -17.66 6.11 -7.64
N HIS A 266 -16.97 6.14 -8.78
CA HIS A 266 -16.52 7.40 -9.38
C HIS A 266 -17.67 8.29 -9.85
N ALA A 267 -18.90 7.74 -9.87
CA ALA A 267 -20.10 8.51 -10.25
C ALA A 267 -21.13 8.56 -9.13
N ASN A 268 -20.77 8.17 -7.93
CA ASN A 268 -21.73 8.05 -6.83
C ASN A 268 -21.79 9.29 -5.95
N GLN A 269 -22.66 10.23 -6.32
CA GLN A 269 -22.84 11.45 -5.56
C GLN A 269 -23.33 11.17 -4.15
N ASP A 270 -24.22 10.20 -4.00
CA ASP A 270 -24.78 9.91 -2.69
C ASP A 270 -23.69 9.56 -1.68
N LEU A 271 -22.74 8.73 -2.10
CA LEU A 271 -21.67 8.30 -1.19
C LEU A 271 -20.52 9.30 -1.09
N VAL A 272 -20.10 9.87 -2.21
CA VAL A 272 -18.95 10.79 -2.19
C VAL A 272 -19.32 12.12 -1.56
N THR A 273 -20.42 12.72 -2.01
CA THR A 273 -20.86 14.01 -1.46
C THR A 273 -21.78 13.82 -0.25
N GLY A 274 -22.83 13.02 -0.41
CA GLY A 274 -23.81 12.84 0.65
C GLY A 274 -23.24 12.25 1.93
N TYR A 275 -22.37 11.24 1.78
CA TYR A 275 -21.83 10.53 2.95
C TYR A 275 -20.45 11.04 3.35
N LEU A 276 -19.46 10.89 2.47
CA LEU A 276 -18.09 11.25 2.86
C LEU A 276 -17.96 12.72 3.20
N LYS A 277 -18.42 13.60 2.31
CA LYS A 277 -18.32 15.03 2.58
C LYS A 277 -19.37 15.53 3.58
N ASP A 278 -20.64 15.22 3.35
CA ASP A 278 -21.71 15.87 4.13
C ASP A 278 -22.03 15.20 5.47
N THR A 279 -21.73 13.92 5.62
CA THR A 279 -22.02 13.16 6.85
C THR A 279 -20.77 12.97 7.70
N LEU A 280 -19.71 12.43 7.09
CA LEU A 280 -18.42 12.31 7.80
C LEU A 280 -17.67 13.64 7.92
N LYS A 281 -18.16 14.67 7.24
CA LYS A 281 -17.57 16.01 7.31
C LYS A 281 -16.11 16.04 6.83
N PHE A 282 -15.80 15.20 5.86
CA PHE A 282 -14.46 15.25 5.25
C PHE A 282 -14.23 16.59 4.57
N LYS A 283 -13.12 17.25 4.93
CA LYS A 283 -12.74 18.57 4.41
C LYS A 283 -11.41 18.58 3.66
N GLY A 284 -10.78 17.41 3.53
CA GLY A 284 -9.65 17.28 2.62
C GLY A 284 -10.14 17.11 1.19
N PHE A 285 -9.26 16.63 0.31
CA PHE A 285 -9.65 16.48 -1.09
C PHE A 285 -9.83 15.03 -1.46
N VAL A 286 -10.80 14.82 -2.35
CA VAL A 286 -11.13 13.54 -2.91
C VAL A 286 -10.49 13.41 -4.29
N ILE A 287 -9.70 12.36 -4.47
CA ILE A 287 -8.97 12.11 -5.71
C ILE A 287 -9.51 10.86 -6.41
N SER A 288 -9.58 10.90 -7.75
CA SER A 288 -9.91 9.70 -8.53
C SER A 288 -8.78 8.68 -8.45
N ASP A 289 -9.06 7.46 -8.87
CA ASP A 289 -8.02 6.50 -9.18
C ASP A 289 -7.56 6.73 -10.63
N PHE A 290 -6.60 5.92 -11.07
CA PHE A 290 -5.85 6.16 -12.30
C PHE A 290 -6.75 5.84 -13.50
N GLU A 291 -7.10 6.85 -14.28
CA GLU A 291 -8.15 6.68 -15.31
C GLU A 291 -9.45 6.16 -14.70
N GLY A 292 -9.70 6.49 -13.43
CA GLY A 292 -10.90 6.03 -12.77
C GLY A 292 -12.15 6.58 -13.43
N ILE A 293 -12.14 7.84 -13.86
CA ILE A 293 -13.36 8.39 -14.44
C ILE A 293 -13.64 7.77 -15.82
N ASP A 294 -12.58 7.42 -16.53
CA ASP A 294 -12.68 6.76 -17.85
C ASP A 294 -13.47 5.47 -17.73
N ARG A 295 -13.25 4.77 -16.61
CA ARG A 295 -13.79 3.44 -16.40
C ARG A 295 -15.24 3.46 -15.88
N ILE A 296 -15.83 4.65 -15.75
CA ILE A 296 -17.26 4.77 -15.43
C ILE A 296 -18.09 4.15 -16.55
N THR A 297 -17.61 4.36 -17.78
CA THR A 297 -18.30 3.86 -18.98
C THR A 297 -17.79 2.50 -19.44
N THR A 298 -18.62 1.83 -20.22
CA THR A 298 -18.26 0.59 -20.91
C THR A 298 -18.49 0.79 -22.41
N PRO A 299 -17.43 0.64 -23.23
CA PRO A 299 -16.03 0.46 -22.84
C PRO A 299 -15.46 1.67 -22.09
N ALA A 300 -14.38 1.45 -21.35
CA ALA A 300 -13.71 2.57 -20.66
C ALA A 300 -13.29 3.62 -21.68
N GLY A 301 -13.53 4.89 -21.37
CA GLY A 301 -13.07 5.99 -22.19
C GLY A 301 -13.95 6.29 -23.39
N SER A 302 -15.08 5.61 -23.50
CA SER A 302 -15.98 5.75 -24.66
C SER A 302 -16.88 6.99 -24.64
N ASP A 303 -16.94 7.68 -23.50
CA ASP A 303 -17.66 8.95 -23.42
C ASP A 303 -17.02 9.77 -22.33
N TYR A 304 -15.87 10.34 -22.67
CA TYR A 304 -15.09 11.05 -21.67
C TYR A 304 -15.81 12.32 -21.20
N SER A 305 -16.58 12.95 -22.08
CA SER A 305 -17.41 14.06 -21.64
C SER A 305 -18.32 13.66 -20.49
N TYR A 306 -18.96 12.49 -20.60
CA TYR A 306 -19.79 11.99 -19.52
C TYR A 306 -18.95 11.66 -18.28
N SER A 307 -17.80 11.01 -18.48
CA SER A 307 -16.89 10.69 -17.36
C SER A 307 -16.58 11.93 -16.52
N VAL A 308 -16.26 13.04 -17.20
CA VAL A 308 -15.93 14.28 -16.52
C VAL A 308 -17.16 14.84 -15.79
N LYS A 309 -18.29 14.90 -16.48
CA LYS A 309 -19.50 15.40 -15.85
C LYS A 309 -19.89 14.60 -14.61
N ALA A 310 -19.98 13.29 -14.76
CA ALA A 310 -20.46 12.41 -13.71
C ALA A 310 -19.57 12.44 -12.47
N SER A 311 -18.26 12.43 -12.70
CA SER A 311 -17.31 12.38 -11.59
C SER A 311 -17.23 13.69 -10.83
N ILE A 312 -17.19 14.80 -11.55
CA ILE A 312 -17.09 16.09 -10.90
C ILE A 312 -18.42 16.41 -10.20
N LEU A 313 -19.55 16.10 -10.82
CA LEU A 313 -20.83 16.30 -10.14
C LEU A 313 -21.01 15.37 -8.95
N ALA A 314 -20.39 14.19 -8.98
CA ALA A 314 -20.46 13.27 -7.84
C ALA A 314 -19.73 13.80 -6.61
N GLY A 315 -18.77 14.70 -6.84
CA GLY A 315 -18.02 15.35 -5.75
C GLY A 315 -16.51 15.13 -5.73
N LEU A 316 -15.97 14.52 -6.76
CA LEU A 316 -14.51 14.34 -6.80
C LEU A 316 -13.88 15.71 -6.99
N ASP A 317 -12.71 15.89 -6.37
CA ASP A 317 -12.03 17.19 -6.38
C ASP A 317 -10.82 17.24 -7.32
N MET A 318 -10.03 16.17 -7.33
CA MET A 318 -8.81 16.09 -8.12
C MET A 318 -8.89 14.82 -8.97
N ILE A 319 -8.60 14.95 -10.26
CA ILE A 319 -8.67 13.85 -11.20
C ILE A 319 -7.25 13.43 -11.58
N MET A 320 -6.96 12.16 -11.27
CA MET A 320 -5.74 11.47 -11.69
C MET A 320 -5.97 11.11 -13.14
N VAL A 321 -5.63 12.02 -14.04
CA VAL A 321 -6.09 11.89 -15.43
C VAL A 321 -5.63 10.57 -16.05
N PRO A 322 -4.32 10.25 -16.03
CA PRO A 322 -3.18 11.10 -15.70
C PRO A 322 -2.43 11.57 -16.94
N ASN A 323 -2.86 11.13 -18.14
CA ASN A 323 -2.11 11.42 -19.36
C ASN A 323 -2.77 12.44 -20.26
N LYS A 324 -4.07 12.30 -20.49
CA LYS A 324 -4.82 13.19 -21.40
C LYS A 324 -5.32 14.47 -20.74
N TYR A 325 -4.38 15.23 -20.19
CA TYR A 325 -4.71 16.44 -19.48
C TYR A 325 -5.39 17.52 -20.36
N GLN A 326 -5.00 17.64 -21.63
CA GLN A 326 -5.54 18.70 -22.47
C GLN A 326 -7.04 18.45 -22.68
N GLN A 327 -7.36 17.20 -22.97
CA GLN A 327 -8.76 16.75 -23.16
C GLN A 327 -9.56 16.93 -21.87
N PHE A 328 -9.01 16.48 -20.74
CA PHE A 328 -9.67 16.69 -19.47
C PHE A 328 -9.97 18.17 -19.22
N ILE A 329 -8.96 19.02 -19.34
CA ILE A 329 -9.12 20.43 -19.05
C ILE A 329 -10.11 21.07 -20.02
N SER A 330 -10.00 20.70 -21.29
CA SER A 330 -10.89 21.25 -22.33
C SER A 330 -12.36 20.89 -22.04
N ILE A 331 -12.61 19.62 -21.74
CA ILE A 331 -13.98 19.15 -21.48
C ILE A 331 -14.53 19.79 -20.23
N LEU A 332 -13.75 19.82 -19.14
CA LEU A 332 -14.27 20.41 -17.91
C LEU A 332 -14.55 21.91 -18.10
N THR A 333 -13.66 22.60 -18.80
CA THR A 333 -13.85 24.01 -19.10
C THR A 333 -15.16 24.22 -19.88
N GLY A 334 -15.38 23.36 -20.86
CA GLY A 334 -16.62 23.42 -21.65
C GLY A 334 -17.88 23.21 -20.80
N HIS A 335 -17.82 22.25 -19.90
CA HIS A 335 -18.95 22.00 -19.01
C HIS A 335 -19.26 23.18 -18.09
N VAL A 336 -18.23 23.84 -17.57
CA VAL A 336 -18.45 24.99 -16.74
C VAL A 336 -19.02 26.14 -17.60
N ASN A 337 -18.41 26.37 -18.74
CA ASN A 337 -18.83 27.44 -19.67
C ASN A 337 -20.29 27.26 -20.09
N GLY A 338 -20.74 26.01 -20.16
CA GLY A 338 -22.12 25.69 -20.52
C GLY A 338 -23.13 25.55 -19.38
N GLY A 339 -22.68 25.83 -18.15
CA GLY A 339 -23.56 25.70 -16.99
C GLY A 339 -23.89 24.29 -16.53
N VAL A 340 -23.24 23.28 -17.12
CA VAL A 340 -23.49 21.89 -16.77
C VAL A 340 -22.89 21.56 -15.40
N ILE A 341 -21.72 22.16 -15.12
CA ILE A 341 -21.08 22.07 -13.81
C ILE A 341 -21.01 23.49 -13.25
N PRO A 342 -21.59 23.72 -12.07
CA PRO A 342 -21.61 25.08 -11.54
C PRO A 342 -20.26 25.49 -10.95
N MET A 343 -20.02 26.80 -10.89
CA MET A 343 -18.79 27.32 -10.30
C MET A 343 -18.67 26.93 -8.83
N SER A 344 -19.81 26.77 -8.14
CA SER A 344 -19.79 26.30 -6.75
C SER A 344 -19.03 24.97 -6.60
N ARG A 345 -19.16 24.09 -7.59
CA ARG A 345 -18.54 22.75 -7.53
C ARG A 345 -17.04 22.89 -7.75
N ILE A 346 -16.65 23.65 -8.76
CA ILE A 346 -15.24 23.97 -9.03
C ILE A 346 -14.60 24.62 -7.79
N ASP A 347 -15.29 25.60 -7.22
CA ASP A 347 -14.73 26.33 -6.07
C ASP A 347 -14.57 25.42 -4.83
N ASP A 348 -15.49 24.48 -4.64
CA ASP A 348 -15.39 23.51 -3.56
C ASP A 348 -14.15 22.63 -3.76
N ALA A 349 -14.00 22.12 -4.98
CA ALA A 349 -12.88 21.23 -5.28
C ALA A 349 -11.55 21.94 -5.01
N VAL A 350 -11.43 23.17 -5.51
CA VAL A 350 -10.20 23.92 -5.36
C VAL A 350 -9.98 24.33 -3.89
N THR A 351 -11.05 24.69 -3.19
CA THR A 351 -10.96 24.99 -1.76
C THR A 351 -10.30 23.83 -1.00
N ARG A 352 -10.76 22.62 -1.30
CA ARG A 352 -10.25 21.42 -0.64
C ARG A 352 -8.79 21.12 -0.99
N ILE A 353 -8.46 21.25 -2.27
CA ILE A 353 -7.08 21.01 -2.70
C ILE A 353 -6.15 22.04 -2.05
N LEU A 354 -6.51 23.32 -2.12
CA LEU A 354 -5.71 24.36 -1.47
C LEU A 354 -5.64 24.19 0.05
N ARG A 355 -6.75 23.78 0.67
CA ARG A 355 -6.73 23.56 2.11
C ARG A 355 -5.64 22.55 2.48
N VAL A 356 -5.59 21.42 1.74
CA VAL A 356 -4.57 20.43 2.03
C VAL A 356 -3.16 21.00 1.83
N LYS A 357 -2.94 21.69 0.72
CA LYS A 357 -1.63 22.26 0.42
C LYS A 357 -1.17 23.27 1.48
N PHE A 358 -2.04 24.20 1.85
CA PHE A 358 -1.68 25.19 2.87
C PHE A 358 -1.44 24.51 4.20
N THR A 359 -2.35 23.62 4.58
CA THR A 359 -2.28 22.93 5.89
C THR A 359 -0.96 22.18 6.05
N MET A 360 -0.50 21.51 5.00
CA MET A 360 0.69 20.68 5.09
C MET A 360 1.99 21.45 5.00
N GLY A 361 1.92 22.76 4.79
CA GLY A 361 3.08 23.61 4.70
C GLY A 361 3.72 23.71 3.33
N LEU A 362 3.00 23.25 2.30
CA LEU A 362 3.58 23.13 0.96
C LEU A 362 3.95 24.50 0.36
N PHE A 363 3.22 25.55 0.74
CA PHE A 363 3.59 26.90 0.27
C PHE A 363 4.85 27.43 0.96
N GLU A 364 5.13 26.93 2.17
CA GLU A 364 6.32 27.34 2.90
C GLU A 364 7.55 26.51 2.54
N ASN A 365 7.34 25.24 2.18
CA ASN A 365 8.44 24.35 1.81
C ASN A 365 8.09 23.56 0.55
N PRO A 366 8.07 24.27 -0.59
CA PRO A 366 7.70 23.61 -1.83
C PRO A 366 8.79 22.74 -2.42
N TYR A 367 10.03 22.90 -1.96
CA TYR A 367 11.16 22.20 -2.54
C TYR A 367 11.70 21.14 -1.59
N ALA A 368 12.45 20.20 -2.15
CA ALA A 368 13.00 19.11 -1.37
C ALA A 368 14.12 19.56 -0.46
N ASP A 369 14.35 18.76 0.58
CA ASP A 369 15.44 19.02 1.52
C ASP A 369 16.57 18.04 1.25
N PRO A 370 17.71 18.51 0.72
CA PRO A 370 18.78 17.55 0.38
C PRO A 370 19.32 16.76 1.57
N ALA A 371 19.18 17.32 2.77
CA ALA A 371 19.61 16.63 3.98
C ALA A 371 18.76 15.41 4.30
N MET A 372 17.61 15.28 3.64
CA MET A 372 16.73 14.13 3.89
C MET A 372 17.09 12.93 3.03
N ALA A 373 17.96 13.12 2.03
CA ALA A 373 18.22 12.04 1.08
C ALA A 373 18.73 10.79 1.77
N GLU A 374 19.54 11.00 2.81
CA GLU A 374 20.17 9.91 3.57
C GLU A 374 19.16 9.08 4.41
N GLN A 375 17.91 9.54 4.50
CA GLN A 375 16.87 8.72 5.15
C GLN A 375 16.52 7.48 4.36
N LEU A 376 16.77 7.49 3.05
CA LEU A 376 16.48 6.36 2.21
C LEU A 376 17.25 5.11 2.60
N GLY A 377 16.52 4.02 2.86
CA GLY A 377 17.14 2.77 3.26
C GLY A 377 17.90 2.78 4.56
N LYS A 378 17.63 3.74 5.43
CA LYS A 378 18.37 3.86 6.70
C LYS A 378 18.29 2.59 7.51
N GLN A 379 19.40 2.22 8.12
CA GLN A 379 19.47 0.98 8.88
C GLN A 379 18.41 0.93 9.99
N GLU A 380 18.13 2.05 10.65
CA GLU A 380 17.10 2.06 11.69
C GLU A 380 15.74 1.64 11.14
N HIS A 381 15.45 2.07 9.91
CA HIS A 381 14.19 1.71 9.27
C HIS A 381 14.18 0.24 8.86
N ARG A 382 15.31 -0.28 8.41
CA ARG A 382 15.45 -1.69 8.12
C ARG A 382 15.28 -2.52 9.38
N ASP A 383 15.83 -2.05 10.50
CA ASP A 383 15.64 -2.75 11.76
C ASP A 383 14.13 -2.83 12.11
N LEU A 384 13.40 -1.75 11.87
CA LEU A 384 11.94 -1.73 12.06
C LEU A 384 11.24 -2.71 11.13
N ALA A 385 11.63 -2.73 9.87
CA ALA A 385 11.04 -3.66 8.89
C ALA A 385 11.29 -5.11 9.30
N ARG A 386 12.48 -5.37 9.82
CA ARG A 386 12.86 -6.70 10.32
C ARG A 386 12.01 -7.14 11.50
N GLU A 387 11.76 -6.21 12.42
CA GLU A 387 10.83 -6.44 13.53
C GLU A 387 9.46 -6.76 12.98
N ALA A 388 8.97 -5.96 12.03
CA ALA A 388 7.63 -6.17 11.47
C ALA A 388 7.52 -7.51 10.76
N ALA A 389 8.54 -7.86 9.99
CA ALA A 389 8.51 -9.12 9.25
C ALA A 389 8.40 -10.29 10.24
N ARG A 390 9.23 -10.26 11.28
CA ARG A 390 9.23 -11.31 12.29
C ARG A 390 7.85 -11.41 12.97
N LYS A 391 7.27 -10.27 13.31
CA LYS A 391 5.98 -10.28 14.01
C LYS A 391 4.84 -10.71 13.11
N SER A 392 5.02 -10.57 11.80
CA SER A 392 3.98 -10.90 10.84
C SER A 392 3.85 -12.41 10.62
N LEU A 393 4.88 -13.16 10.94
CA LEU A 393 4.94 -14.59 10.60
C LEU A 393 3.91 -15.35 11.41
N VAL A 394 3.17 -16.24 10.76
CA VAL A 394 2.20 -17.08 11.50
C VAL A 394 2.64 -18.52 11.39
N LEU A 395 2.94 -19.10 12.54
CA LEU A 395 3.34 -20.49 12.62
C LEU A 395 2.08 -21.37 12.55
N LEU A 396 1.97 -22.16 11.49
CA LEU A 396 0.78 -22.99 11.26
C LEU A 396 0.93 -24.43 11.74
N LYS A 397 2.17 -24.90 11.81
CA LYS A 397 2.50 -26.27 12.17
C LYS A 397 3.91 -26.29 12.71
N ASN A 398 4.14 -27.07 13.76
CA ASN A 398 5.46 -27.20 14.36
C ASN A 398 5.55 -28.58 14.95
N GLY A 399 5.63 -29.58 14.07
CA GLY A 399 5.65 -31.01 14.43
C GLY A 399 4.53 -31.77 13.70
N LYS A 400 4.87 -32.93 13.13
CA LYS A 400 3.87 -33.76 12.43
C LYS A 400 2.91 -34.51 13.34
N THR A 401 3.36 -34.81 14.55
CA THR A 401 2.51 -35.45 15.52
C THR A 401 2.68 -34.65 16.78
N SER A 402 1.73 -34.80 17.68
CA SER A 402 1.71 -34.10 18.94
C SER A 402 2.88 -34.49 19.84
N THR A 403 3.52 -35.63 19.54
CA THR A 403 4.58 -36.17 20.36
C THR A 403 5.99 -35.96 19.79
N ASP A 404 6.08 -35.51 18.54
CA ASP A 404 7.39 -35.22 17.95
C ASP A 404 8.06 -34.07 18.70
N ALA A 405 9.38 -34.05 18.69
CA ALA A 405 10.13 -32.88 19.11
C ALA A 405 9.72 -31.70 18.19
N PRO A 406 9.38 -30.55 18.77
CA PRO A 406 9.10 -29.45 17.83
C PRO A 406 10.35 -29.08 17.03
N LEU A 407 10.19 -28.86 15.74
CA LEU A 407 11.33 -28.52 14.86
C LEU A 407 11.84 -27.11 15.15
N LEU A 408 10.94 -26.15 15.32
CA LEU A 408 11.31 -24.77 15.58
C LEU A 408 11.23 -24.47 17.06
N PRO A 409 12.20 -23.71 17.58
CA PRO A 409 13.33 -23.11 16.85
C PRO A 409 14.43 -24.08 16.46
N LEU A 410 15.07 -23.79 15.33
CA LEU A 410 16.18 -24.55 14.80
C LEU A 410 17.47 -24.15 15.48
N PRO A 411 18.42 -25.09 15.60
CA PRO A 411 19.72 -24.71 16.14
C PRO A 411 20.58 -23.99 15.11
N LYS A 412 21.27 -22.95 15.56
CA LYS A 412 22.21 -22.23 14.70
C LYS A 412 23.50 -23.01 14.40
N LYS A 413 23.84 -23.98 15.25
CA LYS A 413 25.02 -24.80 15.04
C LYS A 413 24.59 -26.20 14.63
N ALA A 414 24.98 -26.59 13.43
CA ALA A 414 24.72 -27.92 12.88
C ALA A 414 25.79 -28.17 11.83
N PRO A 415 26.17 -29.42 11.57
CA PRO A 415 27.29 -29.57 10.63
C PRO A 415 26.97 -29.03 9.22
N LYS A 416 25.78 -29.35 8.72
CA LYS A 416 25.41 -28.99 7.36
C LYS A 416 23.90 -28.87 7.32
N ILE A 417 23.42 -27.80 6.68
CA ILE A 417 21.99 -27.54 6.52
C ILE A 417 21.68 -27.19 5.08
N LEU A 418 20.44 -27.45 4.69
CA LEU A 418 19.97 -27.16 3.34
C LEU A 418 18.97 -26.00 3.35
N VAL A 419 19.19 -25.08 2.43
CA VAL A 419 18.22 -24.03 2.12
C VAL A 419 17.80 -24.26 0.67
N ALA A 420 16.49 -24.31 0.43
CA ALA A 420 15.96 -24.71 -0.86
C ALA A 420 14.69 -23.96 -1.20
N GLY A 421 14.29 -24.06 -2.46
CA GLY A 421 13.06 -23.48 -2.93
C GLY A 421 13.24 -22.24 -3.78
N SER A 422 12.26 -22.02 -4.63
CA SER A 422 12.21 -20.87 -5.52
C SER A 422 12.19 -19.53 -4.80
N HIS A 423 11.77 -19.52 -3.55
CA HIS A 423 11.63 -18.28 -2.80
C HIS A 423 12.71 -18.12 -1.72
N ALA A 424 13.67 -19.04 -1.66
CA ALA A 424 14.73 -18.94 -0.65
C ALA A 424 15.75 -17.85 -0.93
N ASP A 425 15.97 -17.52 -2.20
CA ASP A 425 17.01 -16.56 -2.57
C ASP A 425 16.47 -15.72 -3.71
N ASN A 426 15.36 -15.04 -3.46
CA ASN A 426 14.74 -14.22 -4.46
C ASN A 426 14.08 -13.01 -3.79
N LEU A 427 14.80 -11.90 -3.79
CA LEU A 427 14.36 -10.71 -3.08
C LEU A 427 13.04 -10.17 -3.64
N GLY A 428 12.93 -10.14 -4.98
CA GLY A 428 11.71 -9.69 -5.61
C GLY A 428 10.51 -10.51 -5.17
N TYR A 429 10.67 -11.83 -5.11
CA TYR A 429 9.56 -12.69 -4.70
C TYR A 429 9.15 -12.43 -3.25
N GLN A 430 10.11 -12.16 -2.38
CA GLN A 430 9.74 -11.96 -0.97
C GLN A 430 9.15 -10.60 -0.73
N CYS A 431 9.30 -9.68 -1.68
CA CYS A 431 8.67 -8.36 -1.59
C CYS A 431 7.28 -8.33 -2.22
N GLY A 432 7.07 -9.11 -3.28
CA GLY A 432 5.78 -9.11 -3.94
C GLY A 432 5.50 -7.85 -4.75
N GLY A 433 4.24 -7.63 -5.08
CA GLY A 433 3.86 -6.55 -5.94
C GLY A 433 4.18 -5.18 -5.34
N TRP A 434 4.05 -4.14 -6.16
CA TRP A 434 4.36 -2.78 -5.72
C TRP A 434 5.78 -2.71 -5.14
N THR A 435 6.76 -3.28 -5.85
CA THR A 435 8.15 -3.18 -5.43
C THR A 435 8.98 -2.99 -6.70
N ILE A 436 9.51 -1.77 -6.86
CA ILE A 436 10.34 -1.31 -7.98
C ILE A 436 9.51 -1.16 -9.24
N GLU A 437 8.92 -2.26 -9.67
CA GLU A 437 7.92 -2.24 -10.72
C GLU A 437 6.52 -2.30 -10.11
N TRP A 438 5.54 -1.89 -10.90
CA TRP A 438 4.14 -1.98 -10.49
C TRP A 438 3.76 -3.38 -10.02
N GLN A 439 4.02 -4.36 -10.89
CA GLN A 439 3.70 -5.77 -10.60
C GLN A 439 4.73 -6.48 -9.75
N GLY A 440 5.72 -5.77 -9.21
CA GLY A 440 6.87 -6.43 -8.64
C GLY A 440 7.72 -7.08 -9.72
N ASP A 441 8.68 -7.88 -9.30
CA ASP A 441 9.65 -8.46 -10.23
C ASP A 441 10.40 -9.58 -9.52
N THR A 442 11.26 -10.25 -10.27
CA THR A 442 12.03 -11.38 -9.79
C THR A 442 13.50 -11.00 -9.61
N GLY A 443 14.11 -11.58 -8.59
CA GLY A 443 15.55 -11.48 -8.35
C GLY A 443 15.96 -10.31 -7.50
N ARG A 444 17.19 -9.84 -7.72
CA ARG A 444 17.79 -8.85 -6.84
C ARG A 444 17.47 -7.46 -7.36
N THR A 445 16.25 -7.01 -7.07
CA THR A 445 15.69 -5.82 -7.67
C THR A 445 15.99 -4.55 -6.88
N THR A 446 16.47 -4.74 -5.65
CA THR A 446 16.74 -3.62 -4.75
C THR A 446 17.72 -4.09 -3.68
N VAL A 447 17.93 -3.28 -2.65
CA VAL A 447 18.83 -3.59 -1.56
C VAL A 447 18.05 -4.34 -0.47
N GLY A 448 18.52 -5.52 -0.11
CA GLY A 448 17.85 -6.30 0.92
C GLY A 448 18.60 -7.57 1.25
N THR A 449 17.93 -8.44 1.99
CA THR A 449 18.54 -9.69 2.45
C THR A 449 17.52 -10.79 2.19
N THR A 450 17.89 -11.76 1.36
CA THR A 450 17.02 -12.87 1.07
C THR A 450 17.02 -13.86 2.23
N ILE A 451 16.14 -14.84 2.17
CA ILE A 451 16.10 -15.85 3.23
C ILE A 451 17.42 -16.59 3.31
N LEU A 452 17.99 -16.95 2.17
CA LEU A 452 19.31 -17.61 2.16
C LEU A 452 20.38 -16.75 2.80
N GLU A 453 20.43 -15.49 2.41
CA GLU A 453 21.41 -14.56 2.99
C GLU A 453 21.21 -14.41 4.49
N ALA A 454 19.95 -14.37 4.92
CA ALA A 454 19.62 -14.27 6.33
C ALA A 454 20.08 -15.51 7.11
N VAL A 455 19.91 -16.69 6.52
CA VAL A 455 20.36 -17.92 7.16
C VAL A 455 21.89 -17.89 7.30
N LYS A 456 22.59 -17.51 6.23
CA LYS A 456 24.05 -17.43 6.29
C LYS A 456 24.53 -16.43 7.33
N ALA A 457 23.79 -15.33 7.53
CA ALA A 457 24.14 -14.32 8.53
C ALA A 457 23.83 -14.75 9.96
N ALA A 458 22.98 -15.76 10.13
CA ALA A 458 22.50 -16.18 11.43
C ALA A 458 23.28 -17.33 12.03
N VAL A 459 23.69 -18.28 11.19
CA VAL A 459 24.23 -19.54 11.71
C VAL A 459 25.65 -19.45 12.25
N ASP A 460 25.98 -20.40 13.12
CA ASP A 460 27.32 -20.53 13.66
C ASP A 460 28.33 -20.62 12.51
N PRO A 461 29.57 -20.13 12.70
CA PRO A 461 30.56 -20.25 11.63
C PRO A 461 30.87 -21.67 11.18
N SER A 462 30.69 -22.65 12.06
CA SER A 462 30.95 -24.04 11.69
C SER A 462 29.81 -24.68 10.89
N THR A 463 28.68 -24.00 10.78
CA THR A 463 27.53 -24.55 10.07
C THR A 463 27.70 -24.35 8.56
N VAL A 464 27.72 -25.42 7.79
CA VAL A 464 27.83 -25.32 6.34
C VAL A 464 26.43 -25.19 5.77
N VAL A 465 26.21 -24.13 4.99
CA VAL A 465 24.91 -23.86 4.40
C VAL A 465 25.01 -24.20 2.93
N VAL A 466 24.18 -25.12 2.49
CA VAL A 466 24.06 -25.48 1.09
C VAL A 466 22.75 -24.93 0.54
N PHE A 467 22.82 -24.28 -0.61
CA PHE A 467 21.64 -23.81 -1.35
C PHE A 467 21.42 -24.70 -2.57
N ALA A 468 20.19 -25.14 -2.75
CA ALA A 468 19.77 -25.78 -3.98
C ALA A 468 18.34 -25.34 -4.24
N GLU A 469 18.10 -24.73 -5.38
CA GLU A 469 16.78 -24.18 -5.62
C GLU A 469 15.68 -25.24 -5.68
N ASN A 470 15.91 -26.30 -6.44
CA ASN A 470 14.95 -27.38 -6.60
C ASN A 470 15.65 -28.75 -6.61
N PRO A 471 16.17 -29.15 -5.44
CA PRO A 471 16.89 -30.43 -5.36
C PRO A 471 15.94 -31.62 -5.48
N ASP A 472 16.45 -32.73 -6.00
CA ASP A 472 15.65 -33.94 -6.02
C ASP A 472 15.82 -34.72 -4.73
N ALA A 473 15.01 -35.76 -4.58
CA ALA A 473 14.96 -36.52 -3.35
C ALA A 473 16.32 -37.14 -3.02
N GLU A 474 17.03 -37.63 -4.04
CA GLU A 474 18.32 -38.26 -3.82
C GLU A 474 19.36 -37.27 -3.30
N PHE A 475 19.38 -36.07 -3.87
CA PHE A 475 20.28 -35.02 -3.43
C PHE A 475 20.13 -34.78 -1.93
N VAL A 476 18.87 -34.70 -1.49
CA VAL A 476 18.60 -34.43 -0.09
C VAL A 476 19.01 -35.61 0.80
N LYS A 477 18.63 -36.82 0.40
CA LYS A 477 18.94 -38.01 1.20
C LYS A 477 20.44 -38.28 1.33
N SER A 478 21.20 -37.92 0.30
CA SER A 478 22.65 -38.12 0.27
C SER A 478 23.44 -36.98 0.89
N GLY A 479 22.77 -35.89 1.23
CA GLY A 479 23.47 -34.67 1.57
C GLY A 479 24.05 -34.53 2.96
N GLY A 480 23.66 -35.39 3.89
CA GLY A 480 24.15 -35.27 5.27
C GLY A 480 23.65 -34.03 5.99
N PHE A 481 22.42 -33.64 5.69
CA PHE A 481 21.82 -32.43 6.25
C PHE A 481 21.20 -32.68 7.60
N SER A 482 21.32 -31.71 8.51
CA SER A 482 20.65 -31.78 9.81
C SER A 482 19.17 -31.45 9.71
N TYR A 483 18.83 -30.52 8.82
CA TYR A 483 17.46 -30.07 8.59
C TYR A 483 17.52 -29.21 7.34
N ALA A 484 16.34 -28.83 6.85
CA ALA A 484 16.21 -27.95 5.70
C ALA A 484 15.23 -26.86 5.99
N ILE A 485 15.48 -25.71 5.35
CA ILE A 485 14.53 -24.60 5.28
C ILE A 485 14.17 -24.48 3.81
N VAL A 486 12.89 -24.62 3.51
CA VAL A 486 12.43 -24.60 2.12
C VAL A 486 11.38 -23.50 1.94
N ALA A 487 11.64 -22.59 1.01
CA ALA A 487 10.75 -21.42 0.81
C ALA A 487 10.16 -21.44 -0.57
N VAL A 488 8.83 -21.37 -0.62
CA VAL A 488 8.06 -21.44 -1.86
C VAL A 488 6.88 -20.51 -1.74
N GLY A 489 6.14 -20.33 -2.84
CA GLY A 489 4.91 -19.57 -2.79
C GLY A 489 4.53 -18.84 -4.08
N GLU A 490 3.79 -17.75 -3.92
CA GLU A 490 3.28 -17.00 -5.05
C GLU A 490 4.33 -16.11 -5.67
N HIS A 491 4.17 -15.86 -6.95
CA HIS A 491 4.98 -14.85 -7.64
C HIS A 491 4.35 -13.47 -7.43
N PRO A 492 5.13 -12.41 -7.66
CA PRO A 492 4.59 -11.07 -7.44
C PRO A 492 3.44 -10.72 -8.37
N TYR A 493 2.47 -9.99 -7.84
CA TYR A 493 1.35 -9.52 -8.64
C TYR A 493 0.70 -8.31 -8.02
N THR A 494 -0.04 -7.60 -8.84
CA THR A 494 -0.70 -6.38 -8.42
C THR A 494 -1.99 -6.24 -9.18
N GLU A 495 -3.03 -5.79 -8.48
CA GLU A 495 -4.33 -5.47 -9.10
C GLU A 495 -4.85 -6.66 -9.89
N THR A 496 -5.37 -6.46 -11.11
CA THR A 496 -6.12 -7.53 -11.76
C THR A 496 -5.28 -8.77 -12.11
N LYS A 497 -3.99 -8.59 -12.35
CA LYS A 497 -3.10 -9.74 -12.58
C LYS A 497 -3.10 -10.72 -11.39
N GLY A 498 -3.43 -10.24 -10.20
CA GLY A 498 -3.46 -11.10 -9.02
C GLY A 498 -4.77 -11.82 -8.78
N ASP A 499 -5.83 -11.45 -9.51
CA ASP A 499 -7.12 -12.15 -9.37
C ASP A 499 -6.88 -13.61 -9.74
N ASN A 500 -7.37 -14.51 -8.91
CA ASN A 500 -6.99 -15.91 -9.01
C ASN A 500 -8.06 -16.78 -8.41
N LEU A 501 -8.71 -17.58 -9.26
CA LEU A 501 -9.82 -18.40 -8.82
C LEU A 501 -9.41 -19.75 -8.21
N ASN A 502 -8.15 -20.15 -8.38
CA ASN A 502 -7.68 -21.46 -7.89
C ASN A 502 -6.80 -21.42 -6.64
N LEU A 503 -6.06 -20.33 -6.46
CA LEU A 503 -5.24 -20.12 -5.26
C LEU A 503 -4.30 -21.27 -4.92
N THR A 504 -3.68 -21.81 -5.96
CA THR A 504 -2.74 -22.90 -5.86
C THR A 504 -1.38 -22.32 -6.25
N ILE A 505 -0.34 -22.57 -5.44
CA ILE A 505 0.95 -21.96 -5.74
C ILE A 505 1.58 -22.58 -6.98
N PRO A 506 2.38 -21.79 -7.72
CA PRO A 506 3.01 -22.33 -8.90
C PRO A 506 4.03 -23.40 -8.57
N GLU A 507 4.20 -24.30 -9.53
CA GLU A 507 5.22 -25.32 -9.44
C GLU A 507 6.45 -24.89 -10.20
N PRO A 508 7.64 -25.34 -9.78
CA PRO A 508 7.86 -26.24 -8.67
C PRO A 508 7.78 -25.48 -7.35
N GLY A 509 7.02 -26.03 -6.44
CA GLY A 509 6.89 -25.48 -5.10
C GLY A 509 6.57 -26.65 -4.20
N LEU A 510 5.37 -27.20 -4.36
CA LEU A 510 5.00 -28.41 -3.63
C LEU A 510 5.96 -29.56 -3.94
N SER A 511 6.35 -29.74 -5.20
CA SER A 511 7.27 -30.83 -5.54
C SER A 511 8.60 -30.72 -4.78
N THR A 512 9.11 -29.50 -4.65
CA THR A 512 10.35 -29.26 -3.94
C THR A 512 10.20 -29.53 -2.44
N VAL A 513 9.11 -29.03 -1.86
CA VAL A 513 8.83 -29.31 -0.45
C VAL A 513 8.76 -30.83 -0.22
N GLN A 514 8.07 -31.55 -1.09
CA GLN A 514 7.95 -33.00 -0.93
C GLN A 514 9.30 -33.71 -1.04
N ALA A 515 10.12 -33.30 -2.00
CA ALA A 515 11.45 -33.88 -2.17
C ALA A 515 12.37 -33.64 -0.98
N VAL A 516 12.32 -32.42 -0.46
CA VAL A 516 13.17 -32.04 0.66
C VAL A 516 12.71 -32.69 1.96
N CYS A 517 11.44 -32.51 2.29
CA CYS A 517 10.88 -33.00 3.54
C CYS A 517 10.87 -34.53 3.59
N GLY A 518 10.81 -35.17 2.42
CA GLY A 518 10.93 -36.63 2.36
C GLY A 518 12.27 -37.16 2.81
N GLY A 519 13.31 -36.34 2.73
CA GLY A 519 14.68 -36.74 3.06
C GLY A 519 15.25 -36.24 4.36
N VAL A 520 14.74 -35.12 4.87
CA VAL A 520 15.27 -34.54 6.09
C VAL A 520 14.15 -33.72 6.75
N ARG A 521 14.22 -33.49 8.06
CA ARG A 521 13.25 -32.64 8.76
C ARG A 521 13.28 -31.26 8.11
N CYS A 522 12.11 -30.69 7.88
CA CYS A 522 12.02 -29.43 7.10
C CYS A 522 11.08 -28.41 7.72
N ALA A 523 11.50 -27.15 7.62
CA ALA A 523 10.66 -26.01 7.92
C ALA A 523 10.32 -25.34 6.61
N THR A 524 9.04 -25.32 6.28
CA THR A 524 8.57 -24.69 5.05
C THR A 524 8.13 -23.27 5.33
N VAL A 525 8.69 -22.34 4.56
CA VAL A 525 8.32 -20.93 4.64
C VAL A 525 7.51 -20.61 3.39
N LEU A 526 6.24 -20.32 3.61
CA LEU A 526 5.31 -20.02 2.53
C LEU A 526 5.20 -18.50 2.34
N ILE A 527 5.59 -18.04 1.16
CA ILE A 527 5.51 -16.63 0.78
C ILE A 527 4.27 -16.45 -0.09
N SER A 528 3.32 -15.64 0.37
CA SER A 528 2.08 -15.44 -0.37
C SER A 528 1.44 -14.13 0.05
N GLY A 529 0.51 -13.65 -0.77
CA GLY A 529 -0.24 -12.45 -0.42
C GLY A 529 -1.54 -12.72 0.31
N ARG A 530 -1.78 -13.98 0.65
CA ARG A 530 -3.09 -14.45 1.03
C ARG A 530 -3.01 -15.92 1.35
N PRO A 531 -4.03 -16.45 2.01
CA PRO A 531 -4.15 -17.91 2.07
C PRO A 531 -4.22 -18.52 0.68
N VAL A 532 -3.56 -19.67 0.54
CA VAL A 532 -3.52 -20.47 -0.68
C VAL A 532 -3.77 -21.90 -0.27
N VAL A 533 -4.10 -22.76 -1.23
CA VAL A 533 -4.30 -24.18 -0.94
C VAL A 533 -3.05 -24.71 -0.23
N VAL A 534 -3.21 -25.23 0.98
CA VAL A 534 -2.04 -25.51 1.83
C VAL A 534 -1.99 -26.93 2.43
N GLN A 535 -3.07 -27.69 2.31
CA GLN A 535 -3.04 -29.03 2.93
C GLN A 535 -1.87 -29.90 2.41
N PRO A 536 -1.62 -29.90 1.09
CA PRO A 536 -0.48 -30.72 0.65
C PRO A 536 0.87 -30.26 1.19
N LEU A 537 1.07 -28.95 1.25
CA LEU A 537 2.30 -28.44 1.85
C LEU A 537 2.41 -28.83 3.31
N LEU A 538 1.31 -28.70 4.05
CA LEU A 538 1.29 -29.10 5.46
C LEU A 538 1.60 -30.58 5.64
N ALA A 539 0.99 -31.44 4.81
CA ALA A 539 1.17 -32.87 4.96
C ALA A 539 2.65 -33.29 4.85
N ALA A 540 3.39 -32.62 3.98
CA ALA A 540 4.79 -32.93 3.76
C ALA A 540 5.70 -32.38 4.86
N SER A 541 5.30 -31.26 5.46
CA SER A 541 6.21 -30.47 6.30
C SER A 541 6.19 -30.81 7.78
N ASP A 542 7.36 -30.77 8.42
CA ASP A 542 7.43 -30.83 9.88
C ASP A 542 6.92 -29.54 10.48
N ALA A 543 7.39 -28.41 9.95
CA ALA A 543 6.91 -27.12 10.39
C ALA A 543 6.58 -26.28 9.16
N LEU A 544 5.61 -25.40 9.31
CA LEU A 544 5.20 -24.50 8.21
C LEU A 544 4.83 -23.15 8.75
N VAL A 545 5.39 -22.12 8.11
CA VAL A 545 5.21 -20.73 8.48
C VAL A 545 4.58 -19.99 7.31
N ALA A 546 3.51 -19.26 7.59
CA ALA A 546 2.97 -18.31 6.62
C ALA A 546 3.69 -17.00 6.84
N ALA A 547 4.56 -16.65 5.90
CA ALA A 547 5.38 -15.45 6.03
C ALA A 547 4.85 -14.26 5.25
N TRP A 548 3.72 -14.44 4.53
CA TRP A 548 3.11 -13.40 3.72
C TRP A 548 4.14 -12.84 2.73
N LEU A 549 4.22 -11.52 2.60
CA LEU A 549 5.18 -10.85 1.69
C LEU A 549 6.04 -9.94 2.55
N PRO A 550 7.08 -10.50 3.17
CA PRO A 550 7.74 -9.83 4.30
C PRO A 550 8.65 -8.66 3.97
N GLY A 551 8.93 -8.44 2.69
CA GLY A 551 9.72 -7.27 2.28
C GLY A 551 11.21 -7.51 2.17
N SER A 552 11.98 -6.44 2.32
CA SER A 552 13.41 -6.50 2.03
C SER A 552 14.23 -7.15 3.13
N GLU A 553 13.68 -7.24 4.34
CA GLU A 553 14.49 -7.66 5.50
C GLU A 553 14.24 -9.13 5.86
N GLY A 554 14.89 -10.01 5.10
CA GLY A 554 14.73 -11.44 5.29
C GLY A 554 15.17 -11.95 6.63
N GLN A 555 16.01 -11.21 7.35
CA GLN A 555 16.40 -11.60 8.69
C GLN A 555 15.22 -11.65 9.67
N GLY A 556 14.10 -11.00 9.35
CA GLY A 556 12.90 -11.13 10.17
C GLY A 556 12.42 -12.58 10.20
N VAL A 557 12.59 -13.28 9.09
CA VAL A 557 12.20 -14.68 9.00
C VAL A 557 13.13 -15.55 9.87
N THR A 558 14.43 -15.39 9.72
CA THR A 558 15.38 -16.20 10.48
C THR A 558 15.38 -15.86 11.96
N ASP A 559 15.02 -14.61 12.32
CA ASP A 559 14.91 -14.24 13.74
C ASP A 559 13.95 -15.15 14.49
N ALA A 560 12.87 -15.58 13.83
CA ALA A 560 11.93 -16.52 14.43
C ALA A 560 12.35 -17.98 14.19
N LEU A 561 12.85 -18.30 13.00
CA LEU A 561 13.24 -19.70 12.73
C LEU A 561 14.28 -20.23 13.70
N PHE A 562 15.24 -19.39 14.08
CA PHE A 562 16.35 -19.77 14.96
C PHE A 562 16.15 -19.36 16.42
N GLY A 563 14.97 -18.87 16.75
CA GLY A 563 14.59 -18.65 18.14
C GLY A 563 15.12 -17.40 18.83
N ASP A 564 15.63 -16.43 18.08
CA ASP A 564 16.00 -15.14 18.69
C ASP A 564 14.77 -14.48 19.29
N PHE A 565 13.62 -14.69 18.62
CA PHE A 565 12.31 -14.29 19.12
C PHE A 565 11.35 -15.44 18.93
N GLY A 566 10.29 -15.45 19.74
CA GLY A 566 9.20 -16.41 19.57
C GLY A 566 8.27 -16.00 18.46
N PHE A 567 7.58 -16.98 17.87
CA PHE A 567 6.48 -16.71 16.94
C PHE A 567 5.31 -16.15 17.72
N THR A 568 4.73 -15.07 17.20
CA THR A 568 3.59 -14.39 17.84
C THR A 568 2.47 -14.04 16.87
N GLY A 569 2.71 -14.12 15.56
CA GLY A 569 1.69 -13.70 14.58
C GLY A 569 0.44 -14.56 14.68
N ARG A 570 -0.71 -13.94 14.38
CA ARG A 570 -1.99 -14.63 14.35
C ARG A 570 -2.68 -14.33 13.02
N LEU A 571 -3.31 -15.33 12.42
CA LEU A 571 -3.95 -15.12 11.11
C LEU A 571 -4.90 -13.91 11.15
N PRO A 572 -4.73 -12.99 10.20
CA PRO A 572 -5.66 -11.87 10.08
C PRO A 572 -6.79 -12.15 9.09
N ARG A 573 -6.82 -13.37 8.57
CA ARG A 573 -7.80 -13.84 7.60
C ARG A 573 -8.11 -15.27 7.95
N THR A 574 -9.27 -15.72 7.49
CA THR A 574 -9.62 -17.13 7.49
C THR A 574 -8.75 -17.89 6.51
N TRP A 575 -8.23 -19.05 6.92
CA TRP A 575 -7.62 -19.96 5.98
C TRP A 575 -8.64 -21.01 5.57
N PHE A 576 -9.04 -20.98 4.30
CA PHE A 576 -10.07 -21.87 3.75
C PHE A 576 -9.54 -23.30 3.56
N LYS A 577 -10.45 -24.26 3.60
CA LYS A 577 -10.12 -25.62 3.19
C LYS A 577 -10.06 -25.78 1.68
N SER A 578 -10.99 -25.12 0.97
CA SER A 578 -10.98 -25.14 -0.49
C SER A 578 -11.61 -23.87 -1.03
N VAL A 579 -11.26 -23.53 -2.27
CA VAL A 579 -11.74 -22.30 -2.88
C VAL A 579 -13.25 -22.34 -3.19
N ASP A 580 -13.80 -23.57 -3.27
CA ASP A 580 -15.26 -23.75 -3.40
C ASP A 580 -16.04 -23.19 -2.23
N GLN A 581 -15.40 -23.04 -1.08
CA GLN A 581 -16.05 -22.44 0.07
C GLN A 581 -16.23 -20.92 -0.02
N LEU A 582 -15.48 -20.27 -0.92
CA LEU A 582 -15.39 -18.83 -0.90
C LEU A 582 -16.59 -18.13 -1.53
N PRO A 583 -16.97 -16.96 -1.00
CA PRO A 583 -16.36 -16.30 0.16
C PRO A 583 -16.75 -16.95 1.49
N MET A 584 -15.84 -16.94 2.45
CA MET A 584 -16.06 -17.49 3.78
C MET A 584 -15.26 -16.70 4.82
N ASN A 585 -15.97 -15.93 5.65
CA ASN A 585 -15.33 -15.03 6.63
C ASN A 585 -15.77 -15.31 8.06
N VAL A 586 -14.92 -14.97 9.02
CA VAL A 586 -15.21 -15.18 10.44
C VAL A 586 -16.56 -14.52 10.77
N GLY A 587 -17.40 -15.25 11.49
CA GLY A 587 -18.76 -14.79 11.79
C GLY A 587 -19.84 -15.28 10.82
N ASP A 588 -19.44 -15.91 9.71
CA ASP A 588 -20.41 -16.45 8.73
C ASP A 588 -21.16 -17.62 9.33
N ALA A 589 -22.34 -17.87 8.79
CA ALA A 589 -23.17 -18.99 9.23
C ALA A 589 -22.45 -20.34 9.10
N HIS A 590 -22.03 -20.68 7.88
CA HIS A 590 -21.47 -22.02 7.62
C HIS A 590 -19.94 -22.01 7.62
N TYR A 591 -19.37 -21.50 8.71
CA TYR A 591 -17.93 -21.25 8.81
C TYR A 591 -17.16 -22.54 9.08
N ASP A 592 -16.37 -22.97 8.10
CA ASP A 592 -15.67 -24.27 8.16
C ASP A 592 -14.20 -24.09 7.72
N PRO A 593 -13.42 -23.36 8.52
CA PRO A 593 -12.06 -23.04 8.09
C PRO A 593 -11.08 -24.18 8.31
N LEU A 594 -10.00 -24.18 7.53
CA LEU A 594 -8.84 -24.99 7.87
C LEU A 594 -8.16 -24.43 9.12
N PHE A 595 -7.98 -23.11 9.14
CA PHE A 595 -7.52 -22.39 10.31
C PHE A 595 -8.37 -21.13 10.45
N ARG A 596 -8.94 -20.91 11.63
CA ARG A 596 -9.80 -19.76 11.85
C ARG A 596 -8.97 -18.48 11.91
N LEU A 597 -9.61 -17.36 11.63
CA LEU A 597 -9.03 -16.05 11.93
C LEU A 597 -8.58 -16.03 13.39
N GLY A 598 -7.35 -15.56 13.63
CA GLY A 598 -6.77 -15.50 14.96
C GLY A 598 -5.86 -16.68 15.31
N TYR A 599 -5.86 -17.72 14.49
CA TYR A 599 -5.06 -18.90 14.73
C TYR A 599 -3.57 -18.57 14.61
N GLY A 600 -2.77 -19.13 15.49
CA GLY A 600 -1.32 -19.06 15.34
C GLY A 600 -0.62 -19.78 16.47
N LEU A 601 0.27 -20.69 16.11
CA LEU A 601 1.07 -21.38 17.12
C LEU A 601 2.15 -20.43 17.61
N THR A 602 2.68 -20.70 18.79
CA THR A 602 3.72 -19.88 19.36
C THR A 602 4.95 -20.71 19.65
N THR A 603 6.09 -20.03 19.77
CA THR A 603 7.29 -20.60 20.33
C THR A 603 7.84 -19.61 21.34
N ASN A 604 8.78 -20.09 22.15
CA ASN A 604 9.53 -19.23 23.06
C ASN A 604 10.93 -18.99 22.52
N ALA A 605 11.42 -17.77 22.72
CA ALA A 605 12.80 -17.43 22.33
C ALA A 605 13.80 -18.38 23.00
N THR A 606 14.83 -18.79 22.25
CA THR A 606 15.89 -19.68 22.73
C THR A 606 16.68 -19.03 23.87
#